data_3EOV
#
_entry.id   3EOV
#
_cell.length_a   69.810
_cell.length_b   83.125
_cell.length_c   73.580
_cell.angle_alpha   90.00
_cell.angle_beta   103.03
_cell.angle_gamma   90.00
#
_symmetry.space_group_name_H-M   'C 1 2 1'
#
loop_
_entity.id
_entity.type
_entity.pdbx_description
1 polymer 'PEPTIDYL-PROLYL CIS-TRANS ISOMERASE'
2 polymer 'CYCLOSPORIN A'
3 water water
#
loop_
_entity_poly.entity_id
_entity_poly.type
_entity_poly.pdbx_seq_one_letter_code
_entity_poly.pdbx_strand_id
1 'polypeptide(L)'
;HHHHHHEPEVTAKVYFDVMIDSEPLGRITIGLFGKDAPLTTENFRQLCTGEHGFGYKDSIFHRVIQNFMIQGGDFTNFDG
TGGKSIYGEKFADENLNVKHFVGALSMANAGPNTNGSQFFITTAPTPWLDGRHVVFGKVLDGMDVVLRIEKTKTNSHDRP
VKPVKIVASGEL
;
A,B
2 'polypeptide(L)' (DAL)(MLE)(MLE)(MVA)(BMT)(ABA)(SAR)(MLE)V(MLE)A C,D
#
# COMPACT_ATOMS: atom_id res chain seq x y z
N GLU A 7 -4.37 -3.32 4.80
CA GLU A 7 -5.19 -4.43 5.35
C GLU A 7 -6.69 -4.09 5.27
N PRO A 8 -7.52 -5.08 4.95
CA PRO A 8 -8.97 -4.87 4.85
C PRO A 8 -9.62 -4.39 6.14
N GLU A 9 -10.82 -3.83 6.00
CA GLU A 9 -11.59 -3.32 7.12
C GLU A 9 -12.34 -4.47 7.81
N VAL A 10 -12.41 -4.41 9.13
CA VAL A 10 -13.11 -5.44 9.89
C VAL A 10 -14.59 -5.09 10.02
N THR A 11 -15.47 -6.01 9.61
CA THR A 11 -16.90 -5.78 9.67
C THR A 11 -17.59 -6.51 10.83
N ALA A 12 -17.10 -7.68 11.20
CA ALA A 12 -17.70 -8.42 12.30
C ALA A 12 -16.60 -8.98 13.21
N LYS A 13 -16.99 -9.48 14.38
CA LYS A 13 -16.04 -10.06 15.33
C LYS A 13 -16.54 -11.36 15.93
N VAL A 14 -15.72 -12.41 15.85
CA VAL A 14 -16.06 -13.71 16.42
C VAL A 14 -15.01 -14.06 17.45
N TYR A 15 -15.20 -15.14 18.20
CA TYR A 15 -14.23 -15.51 19.22
C TYR A 15 -14.20 -17.02 19.45
N PHE A 16 -13.09 -17.51 19.98
CA PHE A 16 -12.92 -18.93 20.32
C PHE A 16 -12.36 -19.00 21.71
N ASP A 17 -13.03 -19.73 22.59
CA ASP A 17 -12.50 -19.91 23.92
C ASP A 17 -11.79 -21.26 23.77
N VAL A 18 -10.48 -21.27 24.00
CA VAL A 18 -9.69 -22.48 23.81
C VAL A 18 -9.22 -23.13 25.10
N MET A 19 -9.18 -24.47 25.07
CA MET A 19 -8.76 -25.24 26.22
C MET A 19 -7.98 -26.49 25.79
N ILE A 20 -6.89 -26.77 26.50
CA ILE A 20 -6.09 -27.95 26.20
C ILE A 20 -6.23 -28.97 27.33
N ASP A 21 -7.11 -29.95 27.16
CA ASP A 21 -7.30 -30.97 28.17
C ASP A 21 -7.57 -30.34 29.54
N SER A 22 -8.84 -29.96 29.75
CA SER A 22 -9.35 -29.34 30.99
C SER A 22 -8.72 -28.01 31.41
N GLU A 23 -7.55 -27.68 30.86
CA GLU A 23 -6.89 -26.42 31.20
C GLU A 23 -7.23 -25.29 30.24
N PRO A 24 -7.90 -24.24 30.73
CA PRO A 24 -8.27 -23.09 29.89
C PRO A 24 -7.08 -22.24 29.47
N LEU A 25 -6.97 -21.99 28.17
CA LEU A 25 -5.87 -21.17 27.65
C LEU A 25 -6.26 -19.72 27.55
N GLY A 26 -7.51 -19.49 27.15
CA GLY A 26 -8.01 -18.13 27.01
C GLY A 26 -8.86 -17.97 25.77
N ARG A 27 -9.04 -16.74 25.33
CA ARG A 27 -9.86 -16.48 24.16
C ARG A 27 -9.18 -15.79 22.97
N ILE A 28 -9.49 -16.29 21.78
CA ILE A 28 -8.96 -15.74 20.55
C ILE A 28 -10.08 -14.90 19.90
N THR A 29 -9.92 -13.57 19.86
CA THR A 29 -10.90 -12.70 19.22
C THR A 29 -10.48 -12.46 17.77
N ILE A 30 -11.35 -12.82 16.84
CA ILE A 30 -11.10 -12.69 15.42
C ILE A 30 -11.92 -11.62 14.71
N GLY A 31 -11.29 -10.92 13.77
CA GLY A 31 -11.97 -9.89 13.01
C GLY A 31 -12.20 -10.40 11.61
N LEU A 32 -13.35 -10.08 11.02
CA LEU A 32 -13.70 -10.57 9.69
C LEU A 32 -13.85 -9.54 8.57
N PHE A 33 -13.08 -9.71 7.51
CA PHE A 33 -13.14 -8.80 6.37
C PHE A 33 -14.41 -9.06 5.56
N GLY A 34 -15.55 -8.61 6.09
CA GLY A 34 -16.82 -8.82 5.42
C GLY A 34 -16.99 -8.27 4.01
N LYS A 35 -16.33 -7.15 3.69
CA LYS A 35 -16.47 -6.55 2.37
C LYS A 35 -15.65 -7.20 1.26
N ASP A 36 -14.50 -7.75 1.59
CA ASP A 36 -13.62 -8.35 0.58
C ASP A 36 -13.88 -9.81 0.34
N ALA A 37 -14.64 -10.44 1.24
CA ALA A 37 -14.98 -11.86 1.15
C ALA A 37 -16.22 -12.08 2.02
N PRO A 38 -17.39 -11.68 1.52
CA PRO A 38 -18.70 -11.78 2.17
C PRO A 38 -19.25 -13.20 2.31
N LEU A 39 -19.16 -13.99 1.25
CA LEU A 39 -19.62 -15.39 1.29
C LEU A 39 -18.79 -16.16 2.31
N THR A 40 -17.46 -16.00 2.22
CA THR A 40 -16.52 -16.68 3.08
C THR A 40 -16.64 -16.30 4.55
N THR A 41 -16.77 -15.01 4.85
CA THR A 41 -16.89 -14.59 6.25
C THR A 41 -18.26 -14.97 6.83
N GLU A 42 -19.26 -15.05 5.97
CA GLU A 42 -20.58 -15.44 6.41
C GLU A 42 -20.55 -16.91 6.83
N ASN A 43 -19.90 -17.73 6.01
CA ASN A 43 -19.75 -19.15 6.28
C ASN A 43 -19.10 -19.26 7.66
N PHE A 44 -17.95 -18.61 7.83
CA PHE A 44 -17.21 -18.65 9.08
C PHE A 44 -18.08 -18.23 10.26
N ARG A 45 -18.67 -17.04 10.16
CA ARG A 45 -19.52 -16.49 11.23
C ARG A 45 -20.61 -17.46 11.71
N GLN A 46 -21.37 -18.01 10.76
CA GLN A 46 -22.45 -18.92 11.09
C GLN A 46 -22.02 -20.27 11.65
N LEU A 47 -20.75 -20.63 11.45
CA LEU A 47 -20.24 -21.89 12.00
C LEU A 47 -19.79 -21.60 13.44
N CYS A 48 -19.45 -20.34 13.70
CA CYS A 48 -19.05 -19.94 15.03
C CYS A 48 -20.25 -19.93 15.96
N THR A 49 -21.39 -19.44 15.46
CA THR A 49 -22.59 -19.39 16.28
C THR A 49 -23.22 -20.77 16.41
N GLY A 50 -23.32 -21.50 15.29
CA GLY A 50 -23.91 -22.83 15.35
C GLY A 50 -25.34 -22.86 14.81
N GLU A 51 -25.82 -21.72 14.33
CA GLU A 51 -27.16 -21.57 13.78
C GLU A 51 -27.75 -22.78 13.04
N HIS A 52 -26.97 -23.37 12.15
CA HIS A 52 -27.45 -24.51 11.37
C HIS A 52 -27.35 -25.89 12.05
N GLY A 53 -26.98 -25.92 13.32
CA GLY A 53 -26.87 -27.20 14.00
C GLY A 53 -25.43 -27.65 14.22
N PHE A 54 -24.59 -27.47 13.21
CA PHE A 54 -23.19 -27.84 13.33
C PHE A 54 -22.36 -26.58 13.54
N GLY A 55 -21.08 -26.74 13.85
CA GLY A 55 -20.23 -25.59 14.07
C GLY A 55 -18.89 -25.91 14.71
N TYR A 56 -18.08 -24.88 14.87
CA TYR A 56 -16.76 -25.02 15.44
C TYR A 56 -16.75 -25.34 16.92
N LYS A 57 -17.91 -25.29 17.57
CA LYS A 57 -17.97 -25.58 19.01
C LYS A 57 -17.62 -27.03 19.33
N ASP A 58 -16.60 -27.22 20.14
CA ASP A 58 -16.13 -28.55 20.56
C ASP A 58 -15.10 -29.18 19.64
N SER A 59 -14.86 -28.54 18.49
CA SER A 59 -13.88 -29.02 17.52
C SER A 59 -12.47 -28.81 18.04
N ILE A 60 -11.50 -29.28 17.27
CA ILE A 60 -10.10 -29.16 17.64
C ILE A 60 -9.19 -28.67 16.52
N PHE A 61 -7.93 -28.46 16.90
CA PHE A 61 -6.88 -28.02 16.01
C PHE A 61 -6.03 -29.27 15.72
N HIS A 62 -6.43 -30.05 14.74
CA HIS A 62 -5.75 -31.30 14.40
C HIS A 62 -4.35 -31.23 13.81
N ARG A 63 -3.92 -30.03 13.43
CA ARG A 63 -2.58 -29.86 12.86
C ARG A 63 -1.95 -28.55 13.31
N VAL A 64 -0.86 -28.66 14.06
CA VAL A 64 -0.14 -27.51 14.59
C VAL A 64 1.32 -27.68 14.22
N ILE A 65 1.90 -26.68 13.58
CA ILE A 65 3.30 -26.75 13.17
C ILE A 65 4.02 -25.47 13.61
N GLN A 66 5.01 -25.61 14.49
CA GLN A 66 5.74 -24.44 14.96
C GLN A 66 6.29 -23.63 13.79
N ASN A 67 6.31 -22.31 13.95
CA ASN A 67 6.81 -21.38 12.92
C ASN A 67 6.10 -21.48 11.60
N PHE A 68 4.82 -21.80 11.62
CA PHE A 68 4.07 -21.92 10.40
C PHE A 68 2.60 -21.57 10.67
N MET A 69 1.86 -22.49 11.28
CA MET A 69 0.45 -22.22 11.52
C MET A 69 -0.24 -23.27 12.38
N ILE A 70 -1.49 -23.00 12.73
CA ILE A 70 -2.28 -23.94 13.51
C ILE A 70 -3.54 -24.12 12.67
N GLN A 71 -3.98 -25.36 12.50
CA GLN A 71 -5.13 -25.67 11.64
C GLN A 71 -6.31 -26.26 12.40
N GLY A 72 -7.52 -25.98 11.95
CA GLY A 72 -8.69 -26.53 12.61
C GLY A 72 -9.92 -26.48 11.74
N GLY A 73 -11.09 -26.76 12.33
CA GLY A 73 -12.33 -26.71 11.58
C GLY A 73 -12.90 -28.00 11.04
N ASP A 74 -12.26 -29.14 11.32
CA ASP A 74 -12.78 -30.43 10.86
C ASP A 74 -13.69 -30.89 12.00
N PHE A 75 -14.94 -30.42 11.98
CA PHE A 75 -15.89 -30.78 13.03
C PHE A 75 -16.76 -31.96 12.62
N THR A 76 -16.37 -32.66 11.55
CA THR A 76 -17.12 -33.84 11.11
C THR A 76 -16.25 -35.10 11.00
N ASN A 77 -14.94 -34.97 11.21
CA ASN A 77 -14.02 -36.12 11.14
C ASN A 77 -12.83 -35.95 12.09
N PHE A 78 -12.54 -34.71 12.47
CA PHE A 78 -11.45 -34.42 13.40
C PHE A 78 -10.05 -34.89 13.00
N ASP A 79 -9.83 -35.13 11.72
CA ASP A 79 -8.50 -35.56 11.29
C ASP A 79 -7.97 -34.69 10.18
N GLY A 80 -8.84 -33.87 9.60
CA GLY A 80 -8.43 -32.98 8.52
C GLY A 80 -9.01 -33.38 7.17
N THR A 81 -9.79 -34.44 7.15
CA THR A 81 -10.39 -34.92 5.92
C THR A 81 -11.83 -34.46 5.76
N GLY A 82 -12.39 -33.86 6.80
CA GLY A 82 -13.77 -33.42 6.73
C GLY A 82 -14.11 -31.94 6.90
N GLY A 83 -15.38 -31.70 7.23
CA GLY A 83 -15.89 -30.35 7.40
C GLY A 83 -16.79 -30.02 6.23
N LYS A 84 -17.68 -29.05 6.40
CA LYS A 84 -18.60 -28.64 5.33
C LYS A 84 -19.03 -27.19 5.52
N SER A 85 -19.19 -26.48 4.41
CA SER A 85 -19.62 -25.08 4.46
C SER A 85 -21.13 -25.03 4.68
N ILE A 86 -21.68 -23.83 4.77
CA ILE A 86 -23.11 -23.66 4.96
C ILE A 86 -23.78 -23.56 3.60
N TYR A 87 -23.01 -23.77 2.54
CA TYR A 87 -23.51 -23.73 1.16
C TYR A 87 -23.40 -25.10 0.54
N GLY A 88 -23.49 -26.14 1.37
CA GLY A 88 -23.37 -27.48 0.85
C GLY A 88 -21.98 -28.00 1.12
N GLU A 89 -21.45 -28.79 0.20
CA GLU A 89 -20.12 -29.37 0.36
C GLU A 89 -18.94 -28.41 0.29
N LYS A 90 -18.76 -27.77 -0.86
CA LYS A 90 -17.66 -26.84 -1.04
C LYS A 90 -18.12 -25.58 -1.76
N PHE A 91 -17.26 -24.56 -1.79
CA PHE A 91 -17.59 -23.33 -2.49
C PHE A 91 -16.36 -22.67 -3.10
N ALA A 92 -16.55 -22.05 -4.25
CA ALA A 92 -15.48 -21.38 -4.96
C ALA A 92 -14.72 -20.40 -4.07
N ASP A 93 -13.53 -20.02 -4.50
CA ASP A 93 -12.71 -19.05 -3.77
C ASP A 93 -13.17 -17.66 -4.22
N GLU A 94 -13.72 -16.87 -3.29
CA GLU A 94 -14.21 -15.51 -3.62
C GLU A 94 -13.13 -14.54 -4.04
N ASN A 95 -12.17 -14.35 -3.13
CA ASN A 95 -11.09 -13.40 -3.32
C ASN A 95 -9.72 -14.01 -2.99
N LEU A 96 -8.78 -13.91 -3.92
CA LEU A 96 -7.42 -14.43 -3.75
C LEU A 96 -6.41 -13.31 -3.98
N ASN A 97 -6.85 -12.08 -3.71
CA ASN A 97 -6.00 -10.91 -3.88
C ASN A 97 -5.37 -10.52 -2.55
N VAL A 98 -6.09 -10.77 -1.47
CA VAL A 98 -5.60 -10.45 -0.14
C VAL A 98 -4.45 -11.36 0.21
N LYS A 99 -3.36 -10.79 0.71
CA LYS A 99 -2.20 -11.57 1.07
C LYS A 99 -2.11 -11.97 2.54
N HIS A 100 -1.39 -13.05 2.79
CA HIS A 100 -1.17 -13.58 4.13
C HIS A 100 -0.21 -12.71 4.90
N PHE A 101 -0.36 -12.72 6.22
CA PHE A 101 0.48 -12.00 7.16
C PHE A 101 0.30 -12.73 8.49
N VAL A 102 1.21 -12.50 9.44
CA VAL A 102 1.12 -13.16 10.74
C VAL A 102 -0.18 -12.70 11.43
N GLY A 103 -0.96 -13.67 11.89
CA GLY A 103 -2.21 -13.34 12.56
C GLY A 103 -3.43 -13.36 11.63
N ALA A 104 -3.22 -13.84 10.41
CA ALA A 104 -4.27 -13.93 9.41
C ALA A 104 -5.11 -15.21 9.51
N LEU A 105 -6.36 -15.12 9.09
CA LEU A 105 -7.29 -16.24 9.04
C LEU A 105 -7.38 -16.59 7.55
N SER A 106 -7.08 -17.83 7.21
CA SER A 106 -7.11 -18.21 5.82
C SER A 106 -7.83 -19.55 5.62
N MET A 107 -8.37 -19.77 4.43
CA MET A 107 -9.06 -21.00 4.17
C MET A 107 -8.11 -22.08 3.70
N ALA A 108 -8.25 -23.25 4.33
CA ALA A 108 -7.49 -24.45 4.00
C ALA A 108 -8.32 -25.12 2.91
N ASN A 109 -7.70 -25.89 2.02
CA ASN A 109 -8.48 -26.53 0.98
C ASN A 109 -7.84 -27.76 0.35
N ALA A 110 -8.36 -28.17 -0.81
CA ALA A 110 -7.86 -29.31 -1.54
C ALA A 110 -7.83 -28.94 -3.01
N GLY A 111 -7.12 -27.87 -3.33
CA GLY A 111 -7.06 -27.41 -4.70
C GLY A 111 -8.01 -26.26 -4.86
N PRO A 112 -8.05 -25.58 -6.01
CA PRO A 112 -8.98 -24.46 -6.17
C PRO A 112 -10.45 -24.82 -6.01
N ASN A 113 -11.23 -23.85 -5.52
CA ASN A 113 -12.67 -23.96 -5.32
C ASN A 113 -13.15 -25.16 -4.51
N THR A 114 -12.47 -25.45 -3.41
CA THR A 114 -12.84 -26.57 -2.54
C THR A 114 -12.90 -26.17 -1.07
N ASN A 115 -13.29 -24.93 -0.82
CA ASN A 115 -13.41 -24.43 0.54
C ASN A 115 -14.54 -25.15 1.25
N GLY A 116 -14.32 -25.47 2.52
CA GLY A 116 -15.33 -26.16 3.30
C GLY A 116 -15.51 -25.48 4.65
N SER A 117 -14.85 -25.99 5.68
CA SER A 117 -14.93 -25.39 7.00
C SER A 117 -13.58 -25.25 7.70
N GLN A 118 -12.56 -25.91 7.15
CA GLN A 118 -11.20 -25.87 7.72
C GLN A 118 -10.50 -24.56 7.42
N PHE A 119 -9.89 -24.00 8.46
CA PHE A 119 -9.20 -22.71 8.36
C PHE A 119 -7.87 -22.81 9.09
N PHE A 120 -7.00 -21.83 8.88
CA PHE A 120 -5.74 -21.81 9.62
C PHE A 120 -5.37 -20.39 10.04
N ILE A 121 -4.62 -20.30 11.12
CA ILE A 121 -4.16 -19.00 11.63
C ILE A 121 -2.65 -19.05 11.50
N THR A 122 -2.07 -18.13 10.75
CA THR A 122 -0.61 -18.14 10.57
C THR A 122 0.17 -17.54 11.74
N THR A 123 1.28 -18.17 12.07
CA THR A 123 2.12 -17.72 13.18
C THR A 123 3.51 -17.31 12.67
N ALA A 124 3.59 -17.06 11.36
CA ALA A 124 4.82 -16.67 10.69
C ALA A 124 4.49 -16.31 9.24
N PRO A 125 5.41 -15.64 8.54
CA PRO A 125 5.15 -15.27 7.14
C PRO A 125 5.00 -16.49 6.23
N THR A 126 3.89 -16.55 5.51
CA THR A 126 3.60 -17.66 4.58
C THR A 126 3.24 -17.11 3.19
N PRO A 127 4.12 -16.30 2.57
CA PRO A 127 3.89 -15.71 1.25
C PRO A 127 3.70 -16.72 0.10
N TRP A 128 4.38 -17.85 0.20
CA TRP A 128 4.30 -18.87 -0.83
C TRP A 128 2.89 -19.43 -0.94
N LEU A 129 2.00 -18.95 -0.08
CA LEU A 129 0.60 -19.37 -0.03
C LEU A 129 -0.38 -18.38 -0.66
N ASP A 130 0.09 -17.18 -0.99
CA ASP A 130 -0.76 -16.15 -1.59
C ASP A 130 -1.27 -16.58 -2.98
N GLY A 131 -2.51 -16.22 -3.29
CA GLY A 131 -3.07 -16.58 -4.56
C GLY A 131 -3.77 -17.93 -4.55
N ARG A 132 -3.56 -18.71 -3.49
CA ARG A 132 -4.19 -20.03 -3.41
C ARG A 132 -5.11 -20.25 -2.20
N HIS A 133 -5.08 -19.33 -1.24
CA HIS A 133 -5.91 -19.47 -0.05
C HIS A 133 -6.56 -18.14 0.24
N VAL A 134 -7.86 -18.18 0.50
CA VAL A 134 -8.63 -16.95 0.79
C VAL A 134 -8.42 -16.44 2.20
N VAL A 135 -7.64 -15.36 2.32
CA VAL A 135 -7.39 -14.74 3.62
C VAL A 135 -8.68 -13.98 3.88
N PHE A 136 -9.31 -14.22 5.03
CA PHE A 136 -10.57 -13.53 5.33
C PHE A 136 -10.70 -12.93 6.71
N GLY A 137 -9.58 -12.72 7.39
CA GLY A 137 -9.67 -12.12 8.71
C GLY A 137 -8.33 -12.07 9.40
N LYS A 138 -8.35 -11.58 10.64
CA LYS A 138 -7.15 -11.49 11.44
C LYS A 138 -7.48 -11.60 12.91
N VAL A 139 -6.49 -12.02 13.69
CA VAL A 139 -6.64 -12.13 15.13
C VAL A 139 -6.49 -10.72 15.68
N LEU A 140 -7.56 -10.20 16.28
CA LEU A 140 -7.55 -8.86 16.85
C LEU A 140 -6.98 -8.86 18.26
N ASP A 141 -7.05 -10.02 18.93
CA ASP A 141 -6.57 -10.16 20.29
C ASP A 141 -6.60 -11.66 20.64
N GLY A 142 -5.62 -12.09 21.45
CA GLY A 142 -5.54 -13.49 21.81
C GLY A 142 -4.48 -14.14 20.96
N MET A 143 -3.58 -13.31 20.46
CA MET A 143 -2.48 -13.78 19.63
C MET A 143 -1.53 -14.57 20.49
N ASP A 144 -1.47 -14.23 21.77
CA ASP A 144 -0.59 -14.95 22.68
C ASP A 144 -1.14 -16.33 22.98
N VAL A 145 -2.46 -16.47 22.84
CA VAL A 145 -3.14 -17.75 23.05
C VAL A 145 -2.79 -18.63 21.86
N VAL A 146 -2.62 -18.00 20.70
CA VAL A 146 -2.27 -18.69 19.46
C VAL A 146 -0.80 -19.10 19.47
N LEU A 147 0.04 -18.27 20.07
CA LEU A 147 1.47 -18.57 20.16
C LEU A 147 1.71 -19.58 21.28
N ARG A 148 0.67 -19.86 22.04
CA ARG A 148 0.74 -20.83 23.13
C ARG A 148 0.48 -22.20 22.50
N ILE A 149 -0.63 -22.30 21.77
CA ILE A 149 -1.00 -23.53 21.09
C ILE A 149 0.12 -24.02 20.18
N GLU A 150 0.66 -23.09 19.40
CA GLU A 150 1.72 -23.40 18.45
C GLU A 150 2.83 -24.26 19.05
N LYS A 151 3.12 -24.11 20.35
CA LYS A 151 4.20 -24.90 20.96
C LYS A 151 3.79 -26.25 21.54
N THR A 152 2.49 -26.50 21.68
CA THR A 152 1.99 -27.75 22.24
C THR A 152 2.73 -28.95 21.61
N LYS A 153 2.78 -30.08 22.32
CA LYS A 153 3.48 -31.25 21.78
C LYS A 153 2.64 -32.08 20.81
N THR A 154 3.21 -32.31 19.63
CA THR A 154 2.54 -33.07 18.58
C THR A 154 3.28 -34.36 18.26
N ASN A 155 2.59 -35.31 17.64
CA ASN A 155 3.24 -36.56 17.28
C ASN A 155 3.59 -36.49 15.79
N SER A 156 3.85 -37.63 15.17
CA SER A 156 4.14 -37.63 13.74
C SER A 156 2.90 -36.97 13.17
N HIS A 157 2.90 -36.64 11.88
CA HIS A 157 1.71 -36.00 11.29
C HIS A 157 1.36 -34.65 11.93
N ASP A 158 2.17 -34.20 12.88
CA ASP A 158 1.98 -32.91 13.57
C ASP A 158 0.64 -32.73 14.29
N ARG A 159 0.16 -33.79 14.91
CA ARG A 159 -1.10 -33.72 15.61
C ARG A 159 -0.85 -33.60 17.10
N PRO A 160 -1.60 -32.70 17.77
CA PRO A 160 -1.48 -32.48 19.21
C PRO A 160 -1.72 -33.72 20.08
N VAL A 161 -0.70 -34.07 20.87
CA VAL A 161 -0.77 -35.22 21.79
C VAL A 161 -1.97 -35.04 22.72
N LYS A 162 -2.05 -33.87 23.35
CA LYS A 162 -3.16 -33.52 24.24
C LYS A 162 -4.03 -32.69 23.31
N PRO A 163 -5.31 -33.04 23.19
CA PRO A 163 -6.23 -32.30 22.32
C PRO A 163 -6.47 -30.84 22.69
N VAL A 164 -6.32 -29.95 21.70
CA VAL A 164 -6.54 -28.51 21.85
C VAL A 164 -7.96 -28.28 21.35
N LYS A 165 -8.87 -28.02 22.27
CA LYS A 165 -10.28 -27.88 21.95
C LYS A 165 -10.93 -26.50 22.07
N ILE A 166 -11.88 -26.23 21.17
CA ILE A 166 -12.62 -24.97 21.16
C ILE A 166 -13.89 -25.23 21.96
N VAL A 167 -13.78 -25.04 23.28
CA VAL A 167 -14.88 -25.27 24.22
C VAL A 167 -16.08 -24.39 23.96
N ALA A 168 -15.83 -23.21 23.43
CA ALA A 168 -16.90 -22.25 23.14
C ALA A 168 -16.47 -21.29 22.05
N SER A 169 -17.39 -21.05 21.11
CA SER A 169 -17.14 -20.14 20.01
C SER A 169 -18.40 -19.31 19.87
N GLY A 170 -18.25 -18.06 19.46
CA GLY A 170 -19.43 -17.24 19.33
C GLY A 170 -19.26 -16.01 18.47
N GLU A 171 -19.92 -14.96 18.90
CA GLU A 171 -19.88 -13.72 18.18
C GLU A 171 -19.93 -12.54 19.13
N LEU A 172 -19.38 -11.42 18.70
CA LEU A 172 -19.36 -10.23 19.54
C LEU A 172 -20.15 -9.15 18.83
N GLU B 7 -8.69 26.15 -7.00
CA GLU B 7 -7.24 26.43 -7.24
C GLU B 7 -6.98 27.94 -7.27
N PRO B 8 -5.79 28.36 -6.82
CA PRO B 8 -5.37 29.77 -6.77
C PRO B 8 -5.40 30.53 -8.09
N GLU B 9 -5.05 31.81 -8.01
CA GLU B 9 -5.02 32.72 -9.14
C GLU B 9 -3.70 32.70 -9.92
N VAL B 10 -3.77 32.52 -11.23
CA VAL B 10 -2.57 32.49 -12.05
C VAL B 10 -2.17 33.92 -12.45
N THR B 11 -0.96 34.30 -12.05
CA THR B 11 -0.42 35.63 -12.32
C THR B 11 0.64 35.70 -13.41
N ALA B 12 1.42 34.64 -13.59
CA ALA B 12 2.44 34.64 -14.62
C ALA B 12 2.49 33.27 -15.31
N LYS B 13 3.10 33.22 -16.50
CA LYS B 13 3.18 31.96 -17.25
C LYS B 13 4.59 31.66 -17.70
N VAL B 14 5.04 30.42 -17.51
CA VAL B 14 6.36 30.02 -17.96
C VAL B 14 6.22 28.75 -18.81
N TYR B 15 7.33 28.24 -19.35
CA TYR B 15 7.26 27.04 -20.17
C TYR B 15 8.55 26.24 -20.27
N PHE B 16 8.43 24.98 -20.66
CA PHE B 16 9.57 24.09 -20.85
C PHE B 16 9.42 23.42 -22.21
N ASP B 17 10.46 23.50 -23.03
CA ASP B 17 10.43 22.79 -24.30
C ASP B 17 11.19 21.53 -23.96
N VAL B 18 10.54 20.38 -24.05
CA VAL B 18 11.18 19.12 -23.68
C VAL B 18 11.62 18.18 -24.80
N MET B 19 12.72 17.47 -24.54
CA MET B 19 13.30 16.49 -25.47
C MET B 19 13.81 15.26 -24.74
N ILE B 20 13.82 14.13 -25.45
CA ILE B 20 14.33 12.88 -24.91
C ILE B 20 15.43 12.40 -25.85
N ASP B 21 16.51 13.18 -25.93
CA ASP B 21 17.63 12.84 -26.77
C ASP B 21 17.26 12.82 -28.25
N SER B 22 17.37 13.97 -28.90
CA SER B 22 17.08 14.14 -30.33
C SER B 22 15.61 14.13 -30.77
N GLU B 23 14.71 13.65 -29.94
CA GLU B 23 13.29 13.62 -30.30
C GLU B 23 12.51 14.64 -29.48
N PRO B 24 11.85 15.60 -30.14
CA PRO B 24 11.06 16.63 -29.46
C PRO B 24 9.70 16.11 -28.98
N LEU B 25 9.43 16.28 -27.69
CA LEU B 25 8.16 15.83 -27.12
C LEU B 25 7.16 16.98 -27.17
N GLY B 26 7.64 18.18 -26.89
CA GLY B 26 6.77 19.33 -26.92
C GLY B 26 7.02 20.36 -25.85
N ARG B 27 6.04 21.23 -25.64
CA ARG B 27 6.13 22.28 -24.65
C ARG B 27 5.17 22.05 -23.49
N ILE B 28 5.61 22.42 -22.29
CA ILE B 28 4.79 22.30 -21.09
C ILE B 28 4.56 23.75 -20.64
N THR B 29 3.33 24.23 -20.75
CA THR B 29 3.00 25.59 -20.33
C THR B 29 2.50 25.56 -18.89
N ILE B 30 3.20 26.29 -18.02
CA ILE B 30 2.88 26.35 -16.60
C ILE B 30 2.37 27.72 -16.14
N GLY B 31 1.35 27.68 -15.26
CA GLY B 31 0.78 28.89 -14.72
C GLY B 31 1.20 29.01 -13.26
N LEU B 32 1.57 30.21 -12.85
CA LEU B 32 2.03 30.45 -11.49
C LEU B 32 1.01 31.18 -10.59
N PHE B 33 0.98 30.81 -9.32
CA PHE B 33 0.08 31.42 -8.35
C PHE B 33 0.84 32.55 -7.65
N GLY B 34 1.08 33.63 -8.38
CA GLY B 34 1.81 34.76 -7.83
C GLY B 34 1.36 35.37 -6.52
N LYS B 35 0.05 35.47 -6.30
CA LYS B 35 -0.47 36.08 -5.08
C LYS B 35 -0.51 35.19 -3.83
N ASP B 36 -0.36 33.88 -4.01
CA ASP B 36 -0.40 32.96 -2.87
C ASP B 36 0.98 32.58 -2.38
N ALA B 37 1.99 32.79 -3.21
CA ALA B 37 3.37 32.46 -2.88
C ALA B 37 4.26 33.21 -3.85
N PRO B 38 4.47 34.52 -3.62
CA PRO B 38 5.28 35.41 -4.44
C PRO B 38 6.77 35.08 -4.48
N LEU B 39 7.36 34.83 -3.31
CA LEU B 39 8.77 34.49 -3.23
C LEU B 39 9.03 33.21 -4.01
N THR B 40 8.18 32.21 -3.76
CA THR B 40 8.31 30.93 -4.43
C THR B 40 8.20 31.08 -5.95
N THR B 41 7.14 31.73 -6.43
CA THR B 41 6.95 31.90 -7.86
C THR B 41 8.04 32.76 -8.49
N GLU B 42 8.54 33.72 -7.74
CA GLU B 42 9.62 34.57 -8.24
C GLU B 42 10.84 33.74 -8.55
N ASN B 43 11.20 32.89 -7.59
CA ASN B 43 12.34 32.00 -7.74
C ASN B 43 12.16 31.18 -9.03
N PHE B 44 11.01 30.56 -9.20
CA PHE B 44 10.72 29.75 -10.38
C PHE B 44 10.76 30.57 -11.67
N ARG B 45 10.15 31.76 -11.63
CA ARG B 45 10.09 32.63 -12.79
C ARG B 45 11.48 32.98 -13.33
N GLN B 46 12.33 33.48 -12.44
CA GLN B 46 13.68 33.87 -12.81
C GLN B 46 14.59 32.71 -13.23
N LEU B 47 14.34 31.51 -12.71
CA LEU B 47 15.15 30.35 -13.09
C LEU B 47 14.81 29.89 -14.52
N CYS B 48 13.57 30.15 -14.95
CA CYS B 48 13.12 29.77 -16.28
C CYS B 48 13.73 30.67 -17.34
N THR B 49 13.74 31.97 -17.08
CA THR B 49 14.32 32.93 -18.01
C THR B 49 15.82 32.72 -18.11
N GLY B 50 16.47 32.57 -16.96
CA GLY B 50 17.90 32.36 -16.93
C GLY B 50 18.67 33.60 -16.52
N GLU B 51 17.92 34.66 -16.19
CA GLU B 51 18.49 35.94 -15.77
C GLU B 51 19.84 35.92 -15.06
N HIS B 52 19.89 35.25 -13.92
CA HIS B 52 21.10 35.19 -13.11
C HIS B 52 22.21 34.26 -13.59
N GLY B 53 22.17 33.87 -14.85
CA GLY B 53 23.21 33.00 -15.37
C GLY B 53 22.91 31.52 -15.25
N PHE B 54 22.24 31.15 -14.16
CA PHE B 54 21.89 29.76 -13.94
C PHE B 54 20.37 29.67 -14.05
N GLY B 55 19.89 28.57 -14.59
CA GLY B 55 18.45 28.39 -14.74
C GLY B 55 18.10 26.98 -15.10
N TYR B 56 16.82 26.74 -15.37
CA TYR B 56 16.35 25.42 -15.73
C TYR B 56 16.78 24.98 -17.11
N LYS B 57 17.14 25.93 -17.97
CA LYS B 57 17.56 25.59 -19.33
C LYS B 57 18.65 24.53 -19.38
N ASP B 58 18.42 23.51 -20.22
CA ASP B 58 19.34 22.40 -20.43
C ASP B 58 19.41 21.36 -19.30
N SER B 59 18.66 21.59 -18.22
CA SER B 59 18.64 20.64 -17.10
C SER B 59 17.73 19.45 -17.43
N ILE B 60 17.62 18.50 -16.52
CA ILE B 60 16.78 17.33 -16.76
C ILE B 60 15.86 16.90 -15.61
N PHE B 61 15.07 15.87 -15.90
CA PHE B 61 14.16 15.26 -14.96
C PHE B 61 14.91 14.02 -14.49
N HIS B 62 15.51 14.10 -13.30
CA HIS B 62 16.32 13.00 -12.78
C HIS B 62 15.62 11.89 -12.00
N ARG B 63 14.30 11.94 -11.93
CA ARG B 63 13.55 10.93 -11.19
C ARG B 63 12.08 10.98 -11.60
N VAL B 64 11.63 9.91 -12.25
CA VAL B 64 10.25 9.78 -12.73
C VAL B 64 9.68 8.51 -12.11
N ILE B 65 8.53 8.61 -11.45
CA ILE B 65 7.91 7.44 -10.84
C ILE B 65 6.48 7.31 -11.36
N GLN B 66 6.25 6.34 -12.24
CA GLN B 66 4.92 6.16 -12.81
C GLN B 66 3.82 6.23 -11.74
N ASN B 67 2.73 6.92 -12.08
CA ASN B 67 1.59 7.07 -11.17
C ASN B 67 1.84 7.94 -9.96
N PHE B 68 2.94 8.68 -9.97
CA PHE B 68 3.27 9.53 -8.84
C PHE B 68 3.64 10.95 -9.26
N MET B 69 4.78 11.11 -9.92
CA MET B 69 5.24 12.42 -10.37
C MET B 69 6.55 12.37 -11.13
N ILE B 70 6.97 13.51 -11.64
CA ILE B 70 8.26 13.63 -12.34
C ILE B 70 8.95 14.77 -11.60
N GLN B 71 10.23 14.61 -11.30
CA GLN B 71 10.99 15.60 -10.54
C GLN B 71 12.11 16.20 -11.38
N GLY B 72 12.38 17.48 -11.16
CA GLY B 72 13.44 18.13 -11.91
C GLY B 72 13.97 19.34 -11.18
N GLY B 73 14.75 20.15 -11.89
CA GLY B 73 15.29 21.37 -11.30
C GLY B 73 16.66 21.30 -10.66
N ASP B 74 17.35 20.17 -10.77
CA ASP B 74 18.69 20.03 -10.20
C ASP B 74 19.74 20.35 -11.28
N PHE B 75 19.91 21.64 -11.54
CA PHE B 75 20.83 22.11 -12.57
C PHE B 75 22.29 22.23 -12.17
N THR B 76 22.66 21.66 -11.02
CA THR B 76 24.05 21.72 -10.59
C THR B 76 24.70 20.33 -10.47
N ASN B 77 23.99 19.36 -9.89
CA ASN B 77 24.55 18.00 -9.75
C ASN B 77 23.84 16.95 -10.61
N PHE B 78 22.67 17.27 -11.16
CA PHE B 78 21.90 16.34 -12.00
C PHE B 78 21.62 14.95 -11.39
N ASP B 79 21.57 14.85 -10.06
CA ASP B 79 21.30 13.57 -9.42
C ASP B 79 20.18 13.68 -8.39
N GLY B 80 19.84 14.90 -8.02
CA GLY B 80 18.80 15.14 -7.03
C GLY B 80 19.40 15.59 -5.71
N THR B 81 20.66 15.99 -5.73
CA THR B 81 21.33 16.43 -4.52
C THR B 81 21.67 17.91 -4.57
N GLY B 82 21.57 18.50 -5.75
CA GLY B 82 21.89 19.91 -5.90
C GLY B 82 20.76 20.90 -6.18
N GLY B 83 21.11 21.99 -6.85
CA GLY B 83 20.17 23.04 -7.17
C GLY B 83 20.32 24.16 -6.17
N LYS B 84 19.88 25.36 -6.52
CA LYS B 84 19.97 26.52 -5.62
C LYS B 84 18.93 27.56 -5.99
N SER B 85 18.45 28.32 -5.02
CA SER B 85 17.45 29.34 -5.30
C SER B 85 18.14 30.63 -5.72
N ILE B 86 17.35 31.67 -5.93
CA ILE B 86 17.89 32.96 -6.32
C ILE B 86 18.23 33.74 -5.05
N TYR B 87 17.62 33.34 -3.94
CA TYR B 87 17.85 33.96 -2.64
C TYR B 87 19.01 33.30 -1.90
N GLY B 88 19.68 32.34 -2.54
CA GLY B 88 20.78 31.67 -1.88
C GLY B 88 20.59 30.15 -1.87
N GLU B 89 21.21 29.48 -0.92
CA GLU B 89 21.12 28.02 -0.84
C GLU B 89 19.72 27.47 -0.62
N LYS B 90 19.03 27.94 0.41
CA LYS B 90 17.70 27.46 0.72
C LYS B 90 16.82 28.55 1.32
N PHE B 91 15.51 28.41 1.20
CA PHE B 91 14.61 29.40 1.76
C PHE B 91 13.36 28.79 2.39
N ALA B 92 12.79 29.52 3.35
CA ALA B 92 11.61 29.11 4.09
C ALA B 92 10.41 28.74 3.23
N ASP B 93 9.50 27.96 3.83
CA ASP B 93 8.28 27.54 3.15
C ASP B 93 7.29 28.69 3.27
N GLU B 94 6.98 29.32 2.15
CA GLU B 94 6.07 30.46 2.11
C GLU B 94 4.65 30.20 2.56
N ASN B 95 4.00 29.29 1.84
CA ASN B 95 2.61 28.96 2.08
C ASN B 95 2.35 27.48 1.84
N LEU B 96 1.96 26.77 2.90
CA LEU B 96 1.69 25.33 2.87
C LEU B 96 0.21 24.99 3.05
N ASN B 97 -0.67 25.89 2.62
CA ASN B 97 -2.10 25.65 2.76
C ASN B 97 -2.71 25.25 1.45
N VAL B 98 -1.97 25.40 0.38
CA VAL B 98 -2.46 25.02 -0.93
C VAL B 98 -2.19 23.52 -1.11
N LYS B 99 -3.26 22.77 -1.30
CA LYS B 99 -3.16 21.33 -1.45
C LYS B 99 -2.71 20.93 -2.84
N HIS B 100 -2.29 19.68 -2.97
CA HIS B 100 -1.84 19.16 -4.25
C HIS B 100 -3.01 18.71 -5.09
N PHE B 101 -2.78 18.59 -6.39
CA PHE B 101 -3.79 18.14 -7.34
C PHE B 101 -3.05 17.66 -8.56
N VAL B 102 -3.69 16.87 -9.40
CA VAL B 102 -3.01 16.39 -10.59
C VAL B 102 -2.65 17.63 -11.41
N GLY B 103 -1.41 17.68 -11.91
CA GLY B 103 -0.96 18.81 -12.71
C GLY B 103 -0.39 19.99 -11.95
N ALA B 104 -0.25 19.85 -10.63
CA ALA B 104 0.29 20.92 -9.80
C ALA B 104 1.83 20.93 -9.73
N LEU B 105 2.39 22.12 -9.52
CA LEU B 105 3.84 22.32 -9.40
C LEU B 105 4.09 22.50 -7.91
N SER B 106 5.00 21.70 -7.36
CA SER B 106 5.26 21.79 -5.95
C SER B 106 6.76 21.75 -5.70
N MET B 107 7.21 22.35 -4.60
CA MET B 107 8.62 22.35 -4.28
C MET B 107 9.07 21.05 -3.63
N ALA B 108 10.24 20.57 -4.04
CA ALA B 108 10.85 19.35 -3.49
C ALA B 108 11.78 19.89 -2.39
N ASN B 109 12.08 19.08 -1.38
CA ASN B 109 12.95 19.57 -0.33
C ASN B 109 13.60 18.49 0.52
N ALA B 110 14.17 18.92 1.64
CA ALA B 110 14.84 18.03 2.58
C ALA B 110 14.37 18.38 3.97
N GLY B 111 13.06 18.47 4.14
CA GLY B 111 12.51 18.82 5.44
C GLY B 111 12.06 20.26 5.44
N PRO B 112 11.51 20.75 6.55
CA PRO B 112 11.05 22.14 6.58
C PRO B 112 12.11 23.19 6.26
N ASN B 113 11.67 24.23 5.55
CA ASN B 113 12.47 25.37 5.15
C ASN B 113 13.77 25.10 4.41
N THR B 114 13.73 24.15 3.48
CA THR B 114 14.92 23.81 2.71
C THR B 114 14.64 23.88 1.21
N ASN B 115 13.85 24.88 0.83
CA ASN B 115 13.51 25.09 -0.57
C ASN B 115 14.69 25.60 -1.41
N GLY B 116 14.90 24.98 -2.57
CA GLY B 116 15.99 25.37 -3.45
C GLY B 116 15.52 25.66 -4.87
N SER B 117 15.73 24.72 -5.78
CA SER B 117 15.32 24.89 -7.18
C SER B 117 14.61 23.65 -7.70
N GLN B 118 14.67 22.56 -6.94
CA GLN B 118 14.02 21.33 -7.36
C GLN B 118 12.52 21.41 -7.15
N PHE B 119 11.80 20.99 -8.18
CA PHE B 119 10.35 21.01 -8.20
C PHE B 119 9.85 19.67 -8.72
N PHE B 120 8.54 19.48 -8.73
CA PHE B 120 7.95 18.27 -9.27
C PHE B 120 6.53 18.54 -9.74
N ILE B 121 6.13 17.84 -10.80
CA ILE B 121 4.78 17.97 -11.33
C ILE B 121 4.14 16.63 -11.03
N THR B 122 3.01 16.65 -10.33
CA THR B 122 2.31 15.40 -9.99
C THR B 122 1.45 14.90 -11.14
N THR B 123 1.32 13.58 -11.25
CA THR B 123 0.50 12.99 -12.32
C THR B 123 -0.62 12.17 -11.71
N ALA B 124 -0.80 12.33 -10.40
CA ALA B 124 -1.82 11.59 -9.69
C ALA B 124 -2.06 12.26 -8.36
N PRO B 125 -3.11 11.84 -7.64
CA PRO B 125 -3.43 12.41 -6.32
C PRO B 125 -2.32 12.10 -5.33
N THR B 126 -1.74 13.14 -4.74
CA THR B 126 -0.66 12.98 -3.77
C THR B 126 -1.01 13.77 -2.51
N PRO B 127 -2.18 13.48 -1.91
CA PRO B 127 -2.65 14.17 -0.69
C PRO B 127 -1.79 13.98 0.56
N TRP B 128 -1.01 12.91 0.61
CA TRP B 128 -0.16 12.67 1.77
C TRP B 128 1.03 13.63 1.83
N LEU B 129 1.18 14.45 0.80
CA LEU B 129 2.26 15.44 0.71
C LEU B 129 1.79 16.84 1.16
N ASP B 130 0.48 17.01 1.30
CA ASP B 130 -0.09 18.29 1.71
C ASP B 130 0.46 18.81 3.05
N GLY B 131 0.82 20.08 3.07
CA GLY B 131 1.34 20.67 4.28
C GLY B 131 2.84 20.60 4.45
N ARG B 132 3.53 19.87 3.58
CA ARG B 132 4.99 19.76 3.69
C ARG B 132 5.68 20.31 2.44
N HIS B 133 4.95 20.38 1.34
CA HIS B 133 5.52 20.88 0.10
C HIS B 133 4.68 22.07 -0.38
N VAL B 134 5.37 23.15 -0.74
CA VAL B 134 4.71 24.37 -1.22
C VAL B 134 4.25 24.24 -2.66
N VAL B 135 2.92 24.27 -2.86
CA VAL B 135 2.34 24.18 -4.21
C VAL B 135 2.31 25.60 -4.75
N PHE B 136 2.86 25.78 -5.95
CA PHE B 136 2.92 27.11 -6.54
C PHE B 136 2.53 27.24 -8.00
N GLY B 137 1.71 26.31 -8.51
CA GLY B 137 1.30 26.43 -9.89
C GLY B 137 0.71 25.18 -10.48
N LYS B 138 0.25 25.28 -11.72
CA LYS B 138 -0.31 24.13 -12.38
C LYS B 138 0.02 24.13 -13.86
N VAL B 139 0.01 22.94 -14.45
CA VAL B 139 0.27 22.78 -15.88
C VAL B 139 -0.98 23.21 -16.63
N LEU B 140 -0.86 24.27 -17.42
CA LEU B 140 -1.97 24.80 -18.19
C LEU B 140 -2.14 24.06 -19.49
N ASP B 141 -1.01 23.64 -20.06
CA ASP B 141 -1.01 22.93 -21.32
C ASP B 141 0.23 22.03 -21.37
N GLY B 142 0.14 20.94 -22.11
CA GLY B 142 1.27 20.04 -22.23
C GLY B 142 1.24 18.94 -21.18
N MET B 143 0.06 18.67 -20.65
CA MET B 143 -0.07 17.62 -19.66
C MET B 143 0.14 16.30 -20.38
N ASP B 144 -0.01 16.34 -21.70
CA ASP B 144 0.19 15.15 -22.53
C ASP B 144 1.70 14.89 -22.58
N VAL B 145 2.47 15.98 -22.58
CA VAL B 145 3.93 15.91 -22.58
C VAL B 145 4.43 15.38 -21.24
N VAL B 146 3.74 15.76 -20.17
CA VAL B 146 4.09 15.32 -18.82
C VAL B 146 3.86 13.83 -18.67
N LEU B 147 2.72 13.34 -19.19
CA LEU B 147 2.39 11.92 -19.08
C LEU B 147 3.17 11.09 -20.08
N ARG B 148 3.81 11.77 -21.02
CA ARG B 148 4.64 11.08 -22.01
C ARG B 148 5.94 10.73 -21.29
N ILE B 149 6.44 11.67 -20.49
CA ILE B 149 7.68 11.48 -19.75
C ILE B 149 7.53 10.47 -18.62
N GLU B 150 6.38 10.48 -17.95
CA GLU B 150 6.12 9.57 -16.84
C GLU B 150 6.26 8.10 -17.23
N LYS B 151 6.14 7.79 -18.51
CA LYS B 151 6.25 6.39 -18.97
C LYS B 151 7.64 6.03 -19.45
N THR B 152 8.45 7.04 -19.77
CA THR B 152 9.81 6.78 -20.25
C THR B 152 10.41 5.64 -19.42
N LYS B 153 11.39 4.93 -19.96
CA LYS B 153 11.99 3.82 -19.22
C LYS B 153 13.06 4.29 -18.23
N THR B 154 12.92 3.87 -16.97
CA THR B 154 13.89 4.24 -15.96
C THR B 154 14.60 3.00 -15.42
N ASN B 155 15.55 3.20 -14.51
CA ASN B 155 16.29 2.09 -13.91
C ASN B 155 16.20 2.21 -12.39
N SER B 156 17.01 1.43 -11.67
CA SER B 156 17.02 1.52 -10.23
C SER B 156 17.08 3.02 -9.95
N HIS B 157 16.64 3.45 -8.78
CA HIS B 157 16.70 4.89 -8.47
C HIS B 157 15.73 5.73 -9.29
N ASP B 158 15.06 5.11 -10.25
CA ASP B 158 14.06 5.79 -11.06
C ASP B 158 14.53 6.93 -11.96
N ARG B 159 15.81 6.91 -12.34
CA ARG B 159 16.38 7.91 -13.22
C ARG B 159 16.18 7.42 -14.67
N PRO B 160 15.68 8.29 -15.56
CA PRO B 160 15.47 7.90 -16.96
C PRO B 160 16.70 7.33 -17.64
N VAL B 161 16.53 6.23 -18.37
CA VAL B 161 17.64 5.62 -19.11
C VAL B 161 18.16 6.68 -20.09
N LYS B 162 17.27 7.11 -20.99
CA LYS B 162 17.63 8.17 -21.95
C LYS B 162 17.27 9.48 -21.26
N PRO B 163 18.21 10.44 -21.26
CA PRO B 163 18.03 11.76 -20.63
C PRO B 163 16.85 12.58 -21.15
N VAL B 164 15.94 12.93 -20.24
CA VAL B 164 14.77 13.76 -20.56
C VAL B 164 15.19 15.18 -20.22
N LYS B 165 15.63 15.92 -21.25
CA LYS B 165 16.16 17.27 -21.09
C LYS B 165 15.22 18.43 -21.41
N ILE B 166 15.40 19.54 -20.70
CA ILE B 166 14.62 20.76 -20.90
C ILE B 166 15.49 21.65 -21.79
N VAL B 167 15.41 21.42 -23.10
CA VAL B 167 16.20 22.15 -24.09
C VAL B 167 16.07 23.66 -24.06
N ALA B 168 14.94 24.15 -23.56
CA ALA B 168 14.70 25.58 -23.48
C ALA B 168 13.47 25.89 -22.62
N SER B 169 13.56 27.01 -21.91
CA SER B 169 12.50 27.48 -21.03
C SER B 169 12.47 29.00 -21.08
N GLY B 170 11.44 29.56 -20.48
CA GLY B 170 11.33 31.00 -20.45
C GLY B 170 10.00 31.45 -19.90
N GLU B 171 9.74 32.73 -20.05
CA GLU B 171 8.52 33.33 -19.59
C GLU B 171 7.58 33.50 -20.80
N LEU B 172 6.32 33.83 -20.56
CA LEU B 172 5.40 33.98 -21.66
C LEU B 172 4.52 35.22 -21.49
N VAL C 9 -2.30 -33.60 2.20
CA VAL C 9 -1.19 -33.17 3.06
C VAL C 9 0.08 -33.73 2.41
N ALA C 11 4.27 -32.67 0.63
CA ALA C 11 5.57 -32.19 1.04
C ALA C 11 5.62 -30.67 1.02
N VAL D 9 16.17 10.62 -0.04
CA VAL D 9 15.29 9.75 -0.86
C VAL D 9 15.03 8.48 -0.06
N ALA D 11 11.73 5.79 1.95
CA ALA D 11 10.68 4.81 1.65
C ALA D 11 9.34 5.50 1.43
#